data_6U8M
#
_entry.id   6U8M
#
_cell.length_a   61.834
_cell.length_b   72.616
_cell.length_c   86.056
_cell.angle_alpha   90.000
_cell.angle_beta   90.000
_cell.angle_gamma   90.000
#
_symmetry.space_group_name_H-M   'P 21 21 21'
#
loop_
_entity.id
_entity.type
_entity.pdbx_description
1 polymer 'Bromodomain-containing protein 4'
2 polymer 'cyclic peptide 3.2_1'
3 non-polymer 'AMINO GROUP'
4 water water
#
loop_
_entity_poly.entity_id
_entity_poly.type
_entity_poly.pdbx_seq_one_letter_code
_entity_poly.pdbx_strand_id
1 'polypeptide(L)'
;QGPLGSSTNPPPPETSNPNKPKRQTNQLQYLLRVVLKTLWKHQFAWPFQQPVDAVKLNLPDYYKIIKTPMDMGTIKKRLE
NNYYWNAQECIQDFNTMFTNCYIYNKPGDDIVLMAEALEKLFLQKINELPTEEPEFPGRLERPHRD
;
A,B
2 'polypeptide(L)' (ACE)W(ALY)KAILPG(ALY)ILKTLHIC C
#
loop_
_chem_comp.id
_chem_comp.type
_chem_comp.name
_chem_comp.formula
ACE non-polymer 'ACETYL GROUP' 'C2 H4 O'
NH2 non-polymer 'AMINO GROUP' 'H2 N'
#
# COMPACT_ATOMS: atom_id res chain seq x y z
N SER A 7 2.90 27.28 13.71
CA SER A 7 2.70 27.47 12.29
C SER A 7 4.04 27.71 11.59
N THR A 8 4.95 26.74 11.71
CA THR A 8 6.28 26.85 11.13
C THR A 8 6.80 25.48 10.75
N ASN A 9 7.40 25.38 9.57
CA ASN A 9 7.85 24.09 9.07
C ASN A 9 9.02 23.58 9.91
N PRO A 10 9.05 22.30 10.25
CA PRO A 10 10.22 21.74 10.91
C PRO A 10 11.40 21.73 9.98
N PRO A 11 12.62 21.63 10.52
CA PRO A 11 13.78 21.43 9.64
C PRO A 11 13.63 20.12 8.88
N PRO A 12 14.20 20.04 7.68
CA PRO A 12 14.05 18.82 6.87
C PRO A 12 14.76 17.64 7.55
N PRO A 13 14.49 16.41 7.11
CA PRO A 13 15.16 15.26 7.73
C PRO A 13 16.66 15.29 7.51
N GLU A 14 17.38 14.61 8.41
CA GLU A 14 18.82 14.49 8.28
C GLU A 14 19.16 13.75 6.99
N THR A 15 20.25 14.16 6.35
CA THR A 15 20.71 13.53 5.12
C THR A 15 22.11 12.96 5.21
N SER A 16 22.77 13.10 6.36
CA SER A 16 24.10 12.54 6.55
C SER A 16 24.22 12.02 7.97
N ASN A 17 25.27 11.21 8.19
CA ASN A 17 25.57 10.59 9.48
C ASN A 17 26.92 11.11 9.95
N PRO A 18 27.04 11.58 11.19
CA PRO A 18 28.29 12.23 11.62
C PRO A 18 29.46 11.28 11.79
N ASN A 19 29.26 9.95 11.77
CA ASN A 19 30.39 9.03 11.87
C ASN A 19 29.94 7.66 11.36
N LYS A 20 30.05 7.47 10.04
CA LYS A 20 29.66 6.23 9.44
C LYS A 20 30.43 6.07 8.14
N PRO A 21 30.92 4.88 7.80
CA PRO A 21 31.49 4.69 6.46
C PRO A 21 30.41 4.71 5.39
N LYS A 22 30.68 5.37 4.26
CA LYS A 22 29.75 5.30 3.14
C LYS A 22 29.90 3.93 2.47
N ARG A 23 28.79 3.35 2.02
CA ARG A 23 28.83 1.92 1.74
C ARG A 23 29.27 1.58 0.30
N GLN A 24 28.51 1.98 -0.70
CA GLN A 24 28.76 1.73 -2.13
C GLN A 24 28.61 0.26 -2.56
N THR A 25 27.46 -0.05 -3.12
CA THR A 25 27.13 -1.41 -3.52
C THR A 25 26.36 -1.38 -4.82
N ASN A 26 26.20 -2.57 -5.42
CA ASN A 26 25.41 -2.70 -6.63
C ASN A 26 23.99 -2.21 -6.40
N GLN A 27 23.38 -2.60 -5.27
CA GLN A 27 22.00 -2.21 -5.01
C GLN A 27 21.89 -0.73 -4.70
N LEU A 28 22.86 -0.15 -3.97
CA LEU A 28 22.78 1.28 -3.67
C LEU A 28 22.99 2.14 -4.90
N GLN A 29 23.96 1.80 -5.76
CA GLN A 29 24.11 2.63 -6.96
C GLN A 29 22.87 2.51 -7.84
N TYR A 30 22.27 1.31 -7.89
CA TYR A 30 21.04 1.11 -8.64
C TYR A 30 19.89 2.00 -8.13
N LEU A 31 19.76 2.11 -6.80
CA LEU A 31 18.68 2.94 -6.28
C LEU A 31 18.83 4.39 -6.68
N LEU A 32 20.07 4.88 -6.77
CA LEU A 32 20.27 6.28 -7.14
C LEU A 32 20.23 6.45 -8.66
N ARG A 33 20.97 5.61 -9.38
CA ARG A 33 21.14 5.78 -10.82
C ARG A 33 19.93 5.39 -11.62
N VAL A 34 19.17 4.39 -11.18
CA VAL A 34 18.03 3.87 -11.92
C VAL A 34 16.70 4.23 -11.24
N VAL A 35 16.53 3.83 -9.97
CA VAL A 35 15.22 3.98 -9.34
C VAL A 35 14.90 5.44 -9.09
N LEU A 36 15.77 6.13 -8.34
CA LEU A 36 15.50 7.54 -8.03
C LEU A 36 15.46 8.38 -9.31
N LYS A 37 16.39 8.13 -10.23
CA LYS A 37 16.40 8.91 -11.47
C LYS A 37 15.11 8.74 -12.26
N THR A 38 14.62 7.50 -12.36
CA THR A 38 13.38 7.25 -13.11
C THR A 38 12.20 7.92 -12.45
N LEU A 39 12.08 7.82 -11.13
CA LEU A 39 10.97 8.48 -10.45
C LEU A 39 11.10 10.00 -10.53
N TRP A 40 12.32 10.53 -10.42
CA TRP A 40 12.49 11.97 -10.36
C TRP A 40 11.94 12.64 -11.61
N LYS A 41 12.17 12.05 -12.78
CA LYS A 41 11.73 12.63 -14.04
C LYS A 41 10.29 12.31 -14.38
N HIS A 42 9.63 11.45 -13.61
CA HIS A 42 8.24 11.11 -13.89
C HIS A 42 7.37 12.37 -13.86
N GLN A 43 6.33 12.38 -14.70
CA GLN A 43 5.42 13.53 -14.79
C GLN A 43 4.71 13.83 -13.48
N PHE A 44 4.55 12.84 -12.60
CA PHE A 44 3.89 13.03 -11.32
C PHE A 44 4.86 13.28 -10.16
N ALA A 45 6.15 13.45 -10.44
CA ALA A 45 7.12 13.52 -9.34
C ALA A 45 7.06 14.85 -8.59
N TRP A 46 6.65 15.93 -9.25
CA TRP A 46 6.90 17.26 -8.71
C TRP A 46 6.30 17.52 -7.31
N PRO A 47 5.14 16.99 -6.91
CA PRO A 47 4.68 17.24 -5.52
C PRO A 47 5.55 16.55 -4.46
N PHE A 48 6.43 15.63 -4.86
CA PHE A 48 7.19 14.80 -3.92
C PHE A 48 8.68 15.12 -3.93
N GLN A 49 9.12 16.12 -4.68
CA GLN A 49 10.55 16.35 -4.84
C GLN A 49 11.16 17.17 -3.71
N GLN A 50 10.35 17.75 -2.86
CA GLN A 50 10.82 18.59 -1.77
C GLN A 50 9.91 18.35 -0.58
N PRO A 51 10.35 18.71 0.64
CA PRO A 51 9.49 18.54 1.82
C PRO A 51 8.16 19.27 1.66
N VAL A 52 7.12 18.72 2.30
CA VAL A 52 5.80 19.35 2.28
C VAL A 52 5.87 20.69 2.98
N ASP A 53 5.49 21.76 2.27
CA ASP A 53 5.52 23.11 2.83
C ASP A 53 4.16 23.37 3.47
N ALA A 54 4.03 22.96 4.73
CA ALA A 54 2.72 23.02 5.39
C ALA A 54 2.31 24.47 5.65
N VAL A 55 3.28 25.37 5.78
CA VAL A 55 2.92 26.78 5.97
C VAL A 55 2.32 27.33 4.69
N LYS A 56 3.02 27.18 3.57
CA LYS A 56 2.51 27.75 2.31
C LYS A 56 1.22 27.06 1.89
N LEU A 57 1.11 25.75 2.13
CA LEU A 57 -0.08 25.03 1.72
C LEU A 57 -1.21 25.08 2.74
N ASN A 58 -1.01 25.76 3.86
CA ASN A 58 -2.03 25.91 4.90
C ASN A 58 -2.55 24.54 5.36
N LEU A 59 -1.60 23.72 5.79
CA LEU A 59 -1.87 22.41 6.37
C LEU A 59 -1.36 22.45 7.81
N PRO A 60 -2.08 23.13 8.71
CA PRO A 60 -1.57 23.29 10.09
C PRO A 60 -1.40 21.97 10.83
N ASP A 61 -2.03 20.90 10.39
CA ASP A 61 -1.97 19.62 11.08
C ASP A 61 -1.00 18.63 10.44
N TYR A 62 -0.34 19.00 9.34
CA TYR A 62 0.42 17.99 8.60
C TYR A 62 1.50 17.36 9.47
N TYR A 63 2.30 18.18 10.14
CA TYR A 63 3.41 17.65 10.91
C TYR A 63 2.99 17.11 12.28
N LYS A 64 1.75 17.34 12.69
CA LYS A 64 1.19 16.58 13.82
C LYS A 64 0.77 15.18 13.39
N ILE A 65 0.25 15.04 12.18
CA ILE A 65 -0.26 13.76 11.68
C ILE A 65 0.87 12.91 11.12
N ILE A 66 1.84 13.54 10.45
CA ILE A 66 2.90 12.83 9.76
C ILE A 66 4.14 12.92 10.64
N LYS A 67 4.43 11.85 11.36
CA LYS A 67 5.52 11.86 12.34
C LYS A 67 6.89 11.69 11.72
N THR A 68 6.99 11.07 10.55
CA THR A 68 8.27 10.86 9.87
C THR A 68 8.12 11.37 8.44
N PRO A 69 8.20 12.68 8.23
CA PRO A 69 8.07 13.22 6.87
C PRO A 69 9.22 12.73 5.99
N MET A 70 8.94 12.61 4.70
CA MET A 70 9.96 12.13 3.79
C MET A 70 9.60 12.60 2.39
N ASP A 71 10.62 12.84 1.57
CA ASP A 71 10.42 13.34 0.21
C ASP A 71 11.59 12.86 -0.65
N MET A 72 11.43 12.94 -1.97
CA MET A 72 12.48 12.41 -2.85
C MET A 72 13.75 13.24 -2.84
N GLY A 73 13.65 14.55 -2.54
CA GLY A 73 14.87 15.34 -2.41
C GLY A 73 15.71 14.86 -1.25
N THR A 74 15.07 14.55 -0.13
CA THR A 74 15.78 13.99 1.02
C THR A 74 16.42 12.64 0.67
N ILE A 75 15.65 11.76 0.03
CA ILE A 75 16.17 10.46 -0.34
C ILE A 75 17.40 10.61 -1.24
N LYS A 76 17.31 11.49 -2.23
CA LYS A 76 18.43 11.71 -3.14
C LYS A 76 19.69 12.15 -2.39
N LYS A 77 19.54 13.11 -1.47
CA LYS A 77 20.71 13.55 -0.70
C LYS A 77 21.25 12.43 0.17
N ARG A 78 20.36 11.65 0.80
CA ARG A 78 20.81 10.51 1.60
C ARG A 78 21.63 9.52 0.77
N LEU A 79 21.17 9.23 -0.44
CA LEU A 79 21.92 8.37 -1.35
C LEU A 79 23.28 8.98 -1.70
N GLU A 80 23.31 10.29 -1.94
CA GLU A 80 24.57 10.95 -2.32
C GLU A 80 25.55 11.01 -1.15
N ASN A 81 25.05 11.04 0.07
CA ASN A 81 25.89 11.18 1.26
C ASN A 81 26.18 9.80 1.84
N ASN A 82 26.54 9.75 3.12
CA ASN A 82 26.89 8.46 3.73
C ASN A 82 25.72 7.83 4.47
N TYR A 83 24.47 8.15 4.11
CA TYR A 83 23.40 7.95 5.07
C TYR A 83 23.06 6.48 5.26
N TYR A 84 22.91 5.73 4.17
CA TYR A 84 22.31 4.40 4.24
C TYR A 84 23.34 3.32 4.52
N TRP A 85 22.94 2.33 5.31
CA TRP A 85 23.77 1.14 5.49
C TRP A 85 23.56 0.15 4.35
N ASN A 86 22.39 0.18 3.72
CA ASN A 86 22.03 -0.79 2.69
C ASN A 86 20.85 -0.26 1.91
N ALA A 87 20.50 -0.98 0.83
CA ALA A 87 19.44 -0.52 -0.05
C ALA A 87 18.07 -0.60 0.61
N GLN A 88 17.89 -1.54 1.55
CA GLN A 88 16.57 -1.73 2.14
C GLN A 88 16.15 -0.56 3.02
N GLU A 89 17.12 0.09 3.66
CA GLU A 89 16.86 1.33 4.38
C GLU A 89 16.34 2.41 3.45
N CYS A 90 16.90 2.48 2.24
CA CYS A 90 16.41 3.46 1.28
C CYS A 90 15.02 3.10 0.78
N ILE A 91 14.78 1.81 0.52
CA ILE A 91 13.46 1.36 0.09
C ILE A 91 12.40 1.72 1.14
N GLN A 92 12.75 1.61 2.43
CA GLN A 92 11.80 2.00 3.46
C GLN A 92 11.47 3.49 3.39
N ASP A 93 12.45 4.34 3.07
CA ASP A 93 12.15 5.76 2.96
C ASP A 93 11.16 6.03 1.83
N PHE A 94 11.34 5.37 0.68
CA PHE A 94 10.37 5.53 -0.39
C PHE A 94 8.97 5.13 0.10
N ASN A 95 8.89 3.99 0.78
CA ASN A 95 7.59 3.52 1.28
C ASN A 95 7.00 4.48 2.30
N THR A 96 7.85 5.05 3.18
CA THR A 96 7.34 6.06 4.11
C THR A 96 6.80 7.26 3.36
N MET A 97 7.50 7.72 2.32
CA MET A 97 7.00 8.84 1.52
C MET A 97 5.62 8.54 0.94
N PHE A 98 5.45 7.37 0.32
CA PHE A 98 4.14 7.05 -0.25
C PHE A 98 3.09 6.97 0.84
N THR A 99 3.40 6.24 1.93
CA THR A 99 2.44 6.02 3.02
C THR A 99 2.00 7.32 3.66
N ASN A 100 2.93 8.26 3.87
CA ASN A 100 2.57 9.56 4.42
C ASN A 100 1.48 10.23 3.61
N CYS A 101 1.65 10.21 2.28
CA CYS A 101 0.66 10.80 1.39
C CYS A 101 -0.69 10.10 1.53
N TYR A 102 -0.68 8.77 1.60
CA TYR A 102 -1.95 8.04 1.74
C TYR A 102 -2.62 8.34 3.08
N ILE A 103 -1.82 8.52 4.14
CA ILE A 103 -2.40 8.76 5.45
C ILE A 103 -2.98 10.16 5.52
N TYR A 104 -2.26 11.15 5.01
CA TYR A 104 -2.68 12.52 5.21
C TYR A 104 -3.84 12.93 4.31
N ASN A 105 -3.83 12.44 3.07
CA ASN A 105 -4.81 12.89 2.08
C ASN A 105 -5.94 11.88 1.94
N LYS A 106 -7.09 12.38 1.49
CA LYS A 106 -8.26 11.52 1.34
C LYS A 106 -8.08 10.56 0.18
N PRO A 107 -8.57 9.32 0.29
CA PRO A 107 -8.46 8.39 -0.83
C PRO A 107 -9.13 8.96 -2.05
N GLY A 108 -8.55 8.68 -3.22
CA GLY A 108 -9.07 9.20 -4.46
C GLY A 108 -8.65 10.62 -4.80
N ASP A 109 -8.00 11.34 -3.89
CA ASP A 109 -7.55 12.70 -4.20
C ASP A 109 -6.46 12.63 -5.26
N ASP A 110 -6.35 13.71 -6.05
CA ASP A 110 -5.36 13.74 -7.14
C ASP A 110 -3.97 13.40 -6.65
N ILE A 111 -3.56 13.96 -5.52
CA ILE A 111 -2.18 13.73 -5.08
C ILE A 111 -1.99 12.28 -4.68
N VAL A 112 -3.04 11.62 -4.18
CA VAL A 112 -2.96 10.22 -3.83
C VAL A 112 -2.85 9.36 -5.08
N LEU A 113 -3.64 9.67 -6.09
CA LEU A 113 -3.54 8.94 -7.35
C LEU A 113 -2.15 9.07 -7.95
N MET A 114 -1.55 10.26 -7.83
CA MET A 114 -0.19 10.43 -8.33
C MET A 114 0.81 9.58 -7.55
N ALA A 115 0.73 9.58 -6.22
CA ALA A 115 1.65 8.75 -5.43
C ALA A 115 1.47 7.27 -5.79
N GLU A 116 0.22 6.84 -6.02
CA GLU A 116 -0.02 5.43 -6.36
C GLU A 116 0.67 5.06 -7.67
N ALA A 117 0.66 5.97 -8.65
CA ALA A 117 1.31 5.67 -9.92
C ALA A 117 2.83 5.65 -9.75
N LEU A 118 3.36 6.55 -8.93
CA LEU A 118 4.80 6.50 -8.63
C LEU A 118 5.16 5.24 -7.87
N GLU A 119 4.35 4.84 -6.88
CA GLU A 119 4.65 3.64 -6.12
C GLU A 119 4.61 2.41 -7.02
N LYS A 120 3.65 2.35 -7.94
CA LYS A 120 3.59 1.21 -8.85
C LYS A 120 4.88 1.13 -9.68
N LEU A 121 5.34 2.25 -10.19
CA LEU A 121 6.60 2.26 -10.95
C LEU A 121 7.78 1.89 -10.07
N PHE A 122 7.80 2.42 -8.85
CA PHE A 122 8.85 2.09 -7.89
C PHE A 122 8.91 0.58 -7.62
N LEU A 123 7.77 -0.05 -7.36
CA LEU A 123 7.79 -1.48 -7.07
C LEU A 123 8.23 -2.29 -8.29
N GLN A 124 7.92 -1.81 -9.49
CA GLN A 124 8.42 -2.44 -10.70
C GLN A 124 9.95 -2.36 -10.75
N LYS A 125 10.51 -1.19 -10.42
CA LYS A 125 11.97 -1.06 -10.44
C LYS A 125 12.61 -1.88 -9.33
N ILE A 126 11.97 -1.93 -8.15
CA ILE A 126 12.50 -2.74 -7.06
C ILE A 126 12.43 -4.22 -7.41
N ASN A 127 11.46 -4.61 -8.23
CA ASN A 127 11.38 -6.00 -8.65
C ASN A 127 12.62 -6.43 -9.44
N GLU A 128 13.36 -5.48 -10.01
CA GLU A 128 14.56 -5.75 -10.78
C GLU A 128 15.83 -5.32 -10.03
N LEU A 129 15.74 -5.18 -8.72
CA LEU A 129 16.92 -4.85 -7.91
C LEU A 129 17.99 -5.92 -8.13
N PRO A 130 19.24 -5.55 -8.41
CA PRO A 130 20.28 -6.56 -8.59
C PRO A 130 20.51 -7.34 -7.30
N THR A 131 20.92 -8.60 -7.45
CA THR A 131 21.24 -9.44 -6.29
C THR A 131 22.61 -9.08 -5.71
N ARG B 23 -11.18 13.35 12.12
CA ARG B 23 -10.60 12.13 11.59
C ARG B 23 -10.96 10.90 12.44
N GLN B 24 -10.74 9.73 11.86
CA GLN B 24 -10.91 8.46 12.56
C GLN B 24 -9.70 8.19 13.45
N THR B 25 -9.81 7.19 14.32
CA THR B 25 -8.65 6.80 15.12
C THR B 25 -7.51 6.39 14.20
N ASN B 26 -6.28 6.55 14.70
CA ASN B 26 -5.10 6.28 13.88
C ASN B 26 -5.20 4.92 13.20
N GLN B 27 -5.62 3.89 13.94
CA GLN B 27 -5.56 2.54 13.38
C GLN B 27 -6.65 2.31 12.34
N LEU B 28 -7.86 2.78 12.59
CA LEU B 28 -8.93 2.57 11.61
C LEU B 28 -8.69 3.41 10.36
N GLN B 29 -8.14 4.61 10.52
CA GLN B 29 -7.81 5.43 9.36
C GLN B 29 -6.71 4.76 8.54
N TYR B 30 -5.72 4.18 9.22
CA TYR B 30 -4.64 3.47 8.55
C TYR B 30 -5.18 2.26 7.80
N LEU B 31 -6.14 1.56 8.41
CA LEU B 31 -6.72 0.38 7.77
C LEU B 31 -7.43 0.76 6.48
N LEU B 32 -8.09 1.91 6.46
CA LEU B 32 -8.80 2.30 5.25
C LEU B 32 -7.85 2.91 4.21
N ARG B 33 -6.99 3.83 4.65
CA ARG B 33 -6.23 4.62 3.68
C ARG B 33 -4.96 3.93 3.21
N VAL B 34 -4.46 2.95 3.97
CA VAL B 34 -3.22 2.25 3.60
C VAL B 34 -3.51 0.78 3.32
N VAL B 35 -4.13 0.08 4.27
CA VAL B 35 -4.25 -1.38 4.13
C VAL B 35 -5.29 -1.74 3.08
N LEU B 36 -6.53 -1.27 3.27
CA LEU B 36 -7.57 -1.60 2.30
C LEU B 36 -7.22 -1.04 0.93
N LYS B 37 -6.75 0.20 0.87
CA LYS B 37 -6.46 0.79 -0.43
C LYS B 37 -5.41 -0.04 -1.17
N THR B 38 -4.37 -0.46 -0.47
CA THR B 38 -3.29 -1.21 -1.12
C THR B 38 -3.81 -2.53 -1.66
N LEU B 39 -4.59 -3.26 -0.87
CA LEU B 39 -5.14 -4.52 -1.37
C LEU B 39 -6.19 -4.28 -2.46
N TRP B 40 -7.02 -3.23 -2.30
CA TRP B 40 -8.10 -2.96 -3.27
C TRP B 40 -7.54 -2.72 -4.66
N LYS B 41 -6.44 -1.99 -4.76
CA LYS B 41 -5.88 -1.65 -6.06
C LYS B 41 -4.84 -2.65 -6.55
N HIS B 42 -4.64 -3.74 -5.81
CA HIS B 42 -3.74 -4.80 -6.25
C HIS B 42 -4.33 -5.50 -7.47
N GLN B 43 -3.45 -6.01 -8.34
CA GLN B 43 -3.92 -6.74 -9.52
C GLN B 43 -4.76 -7.97 -9.18
N PHE B 44 -4.60 -8.55 -7.99
CA PHE B 44 -5.36 -9.76 -7.62
C PHE B 44 -6.62 -9.46 -6.83
N ALA B 45 -7.03 -8.20 -6.74
CA ALA B 45 -8.12 -7.83 -5.86
C ALA B 45 -9.49 -8.26 -6.39
N TRP B 46 -9.66 -8.37 -7.71
CA TRP B 46 -11.01 -8.37 -8.25
C TRP B 46 -11.92 -9.52 -7.79
N PRO B 47 -11.45 -10.76 -7.56
CA PRO B 47 -12.38 -11.79 -7.08
C PRO B 47 -12.88 -11.52 -5.68
N PHE B 48 -12.27 -10.59 -4.97
CA PHE B 48 -12.55 -10.32 -3.55
C PHE B 48 -13.21 -8.96 -3.35
N GLN B 49 -13.53 -8.25 -4.44
CA GLN B 49 -14.06 -6.90 -4.30
C GLN B 49 -15.56 -6.88 -4.05
N GLN B 50 -16.24 -8.02 -4.13
CA GLN B 50 -17.68 -8.08 -3.92
C GLN B 50 -17.99 -9.44 -3.31
N PRO B 51 -19.14 -9.60 -2.65
CA PRO B 51 -19.49 -10.93 -2.12
C PRO B 51 -19.54 -11.98 -3.21
N VAL B 52 -19.21 -13.22 -2.83
CA VAL B 52 -19.38 -14.35 -3.73
C VAL B 52 -20.86 -14.54 -4.00
N ASP B 53 -21.26 -14.49 -5.29
CA ASP B 53 -22.65 -14.72 -5.69
C ASP B 53 -22.80 -16.19 -6.04
N ALA B 54 -23.14 -17.00 -5.03
CA ALA B 54 -23.15 -18.45 -5.22
C ALA B 54 -24.25 -18.89 -6.18
N VAL B 55 -25.32 -18.13 -6.32
CA VAL B 55 -26.37 -18.50 -7.26
C VAL B 55 -25.89 -18.28 -8.69
N LYS B 56 -25.39 -17.08 -8.99
CA LYS B 56 -24.91 -16.79 -10.34
C LYS B 56 -23.74 -17.70 -10.71
N LEU B 57 -22.88 -18.00 -9.75
CA LEU B 57 -21.73 -18.86 -9.99
C LEU B 57 -22.07 -20.35 -9.90
N ASN B 58 -23.32 -20.70 -9.61
CA ASN B 58 -23.76 -22.09 -9.49
C ASN B 58 -22.90 -22.85 -8.48
N LEU B 59 -22.86 -22.33 -7.25
CA LEU B 59 -22.16 -22.95 -6.13
C LEU B 59 -23.20 -23.35 -5.08
N PRO B 60 -23.95 -24.42 -5.32
CA PRO B 60 -25.05 -24.77 -4.41
C PRO B 60 -24.59 -25.11 -3.00
N ASP B 61 -23.32 -25.42 -2.80
CA ASP B 61 -22.82 -25.79 -1.48
C ASP B 61 -22.08 -24.66 -0.80
N TYR B 62 -21.95 -23.50 -1.43
CA TYR B 62 -21.05 -22.47 -0.89
C TYR B 62 -21.50 -22.03 0.49
N TYR B 63 -22.80 -21.78 0.66
CA TYR B 63 -23.23 -21.26 1.96
C TYR B 63 -23.35 -22.36 3.00
N LYS B 64 -23.37 -23.63 2.58
CA LYS B 64 -23.28 -24.73 3.53
C LYS B 64 -21.87 -24.82 4.12
N ILE B 65 -20.87 -24.58 3.29
CA ILE B 65 -19.47 -24.70 3.68
C ILE B 65 -18.95 -23.41 4.33
N ILE B 66 -19.38 -22.27 3.81
CA ILE B 66 -18.89 -20.96 4.25
C ILE B 66 -20.03 -20.30 5.00
N LYS B 67 -20.01 -20.41 6.33
CA LYS B 67 -21.10 -19.92 7.16
C LYS B 67 -21.06 -18.41 7.37
N THR B 68 -19.87 -17.80 7.29
CA THR B 68 -19.69 -16.36 7.48
C THR B 68 -18.92 -15.78 6.28
N PRO B 69 -19.62 -15.50 5.19
CA PRO B 69 -18.98 -14.89 4.02
C PRO B 69 -18.42 -13.51 4.36
N MET B 70 -17.36 -13.13 3.66
CA MET B 70 -16.80 -11.79 3.80
C MET B 70 -16.00 -11.48 2.54
N ASP B 71 -15.92 -10.18 2.20
CA ASP B 71 -15.25 -9.72 1.00
C ASP B 71 -14.77 -8.30 1.25
N MET B 72 -13.86 -7.82 0.40
CA MET B 72 -13.30 -6.50 0.61
C MET B 72 -14.29 -5.39 0.32
N GLY B 73 -15.30 -5.64 -0.52
CA GLY B 73 -16.30 -4.62 -0.75
C GLY B 73 -17.07 -4.30 0.51
N THR B 74 -17.42 -5.35 1.26
CA THR B 74 -18.07 -5.18 2.55
C THR B 74 -17.16 -4.49 3.55
N ILE B 75 -15.89 -4.91 3.62
CA ILE B 75 -14.94 -4.28 4.54
C ILE B 75 -14.80 -2.78 4.20
N LYS B 76 -14.69 -2.47 2.92
CA LYS B 76 -14.57 -1.08 2.48
C LYS B 76 -15.76 -0.24 2.93
N LYS B 77 -16.98 -0.76 2.76
CA LYS B 77 -18.15 -0.01 3.19
C LYS B 77 -18.20 0.16 4.71
N ARG B 78 -17.79 -0.86 5.47
CA ARG B 78 -17.81 -0.75 6.93
C ARG B 78 -16.81 0.31 7.39
N LEU B 79 -15.62 0.35 6.78
CA LEU B 79 -14.63 1.37 7.12
C LEU B 79 -15.10 2.75 6.70
N GLU B 80 -15.61 2.88 5.47
CA GLU B 80 -16.01 4.21 5.00
C GLU B 80 -17.19 4.76 5.80
N ASN B 81 -18.06 3.89 6.31
CA ASN B 81 -19.21 4.33 7.08
C ASN B 81 -18.95 4.39 8.58
N ASN B 82 -17.71 4.15 8.99
CA ASN B 82 -17.33 4.18 10.40
C ASN B 82 -18.12 3.15 11.22
N TYR B 83 -18.33 1.96 10.63
CA TYR B 83 -19.10 0.93 11.33
C TYR B 83 -18.25 0.13 12.31
N TYR B 84 -16.93 0.04 12.08
CA TYR B 84 -16.10 -0.73 13.00
C TYR B 84 -15.86 0.06 14.29
N TRP B 85 -15.87 -0.66 15.41
CA TRP B 85 -15.49 -0.04 16.68
C TRP B 85 -13.99 -0.03 16.92
N ASN B 86 -13.23 -0.93 16.30
CA ASN B 86 -11.80 -0.99 16.54
C ASN B 86 -11.16 -1.73 15.39
N ALA B 87 -9.82 -1.73 15.38
CA ALA B 87 -9.08 -2.34 14.29
C ALA B 87 -9.20 -3.86 14.30
N GLN B 88 -9.38 -4.45 15.49
CA GLN B 88 -9.49 -5.91 15.57
C GLN B 88 -10.67 -6.43 14.78
N GLU B 89 -11.81 -5.72 14.81
CA GLU B 89 -12.99 -6.19 14.10
C GLU B 89 -12.72 -6.22 12.60
N CYS B 90 -12.00 -5.21 12.12
CA CYS B 90 -11.66 -5.13 10.71
C CYS B 90 -10.63 -6.17 10.31
N ILE B 91 -9.60 -6.37 11.13
CA ILE B 91 -8.61 -7.40 10.84
C ILE B 91 -9.27 -8.78 10.80
N GLN B 92 -10.21 -9.04 11.71
CA GLN B 92 -10.90 -10.33 11.70
C GLN B 92 -11.66 -10.53 10.39
N ASP B 93 -12.28 -9.48 9.86
CA ASP B 93 -13.00 -9.61 8.60
C ASP B 93 -12.05 -9.95 7.44
N PHE B 94 -10.88 -9.30 7.36
CA PHE B 94 -9.92 -9.68 6.33
C PHE B 94 -9.53 -11.15 6.47
N ASN B 95 -9.20 -11.57 7.68
CA ASN B 95 -8.79 -12.97 7.89
C ASN B 95 -9.90 -13.95 7.55
N THR B 96 -11.15 -13.59 7.85
CA THR B 96 -12.27 -14.44 7.45
C THR B 96 -12.37 -14.56 5.93
N MET B 97 -12.21 -13.45 5.22
CA MET B 97 -12.23 -13.51 3.76
C MET B 97 -11.17 -14.47 3.22
N PHE B 98 -9.92 -14.38 3.71
CA PHE B 98 -8.87 -15.27 3.21
C PHE B 98 -9.20 -16.71 3.57
N THR B 99 -9.56 -16.96 4.83
CA THR B 99 -9.84 -18.32 5.28
C THR B 99 -10.96 -18.96 4.46
N ASN B 100 -12.02 -18.20 4.18
CA ASN B 100 -13.11 -18.72 3.35
C ASN B 100 -12.61 -19.21 2.01
N CYS B 101 -11.76 -18.42 1.36
CA CYS B 101 -11.18 -18.83 0.09
C CYS B 101 -10.40 -20.13 0.24
N TYR B 102 -9.57 -20.24 1.29
CA TYR B 102 -8.80 -21.48 1.50
C TYR B 102 -9.69 -22.67 1.81
N ILE B 103 -10.81 -22.47 2.49
CA ILE B 103 -11.68 -23.60 2.81
C ILE B 103 -12.37 -24.11 1.55
N TYR B 104 -12.86 -23.20 0.71
CA TYR B 104 -13.75 -23.61 -0.36
C TYR B 104 -12.99 -24.15 -1.57
N ASN B 105 -11.82 -23.62 -1.86
CA ASN B 105 -11.10 -23.90 -3.10
C ASN B 105 -9.93 -24.84 -2.89
N LYS B 106 -9.50 -25.50 -3.97
CA LYS B 106 -8.33 -26.38 -3.87
C LYS B 106 -7.07 -25.54 -3.68
N PRO B 107 -6.10 -26.04 -2.89
CA PRO B 107 -4.91 -25.22 -2.58
C PRO B 107 -4.04 -24.83 -3.75
N GLY B 108 -4.02 -25.60 -4.83
CA GLY B 108 -3.23 -25.19 -5.98
C GLY B 108 -3.94 -24.23 -6.93
N ASP B 109 -5.21 -23.94 -6.70
CA ASP B 109 -6.01 -23.13 -7.61
C ASP B 109 -5.54 -21.68 -7.66
N ASP B 110 -5.72 -21.05 -8.83
CA ASP B 110 -5.30 -19.67 -9.02
C ASP B 110 -5.89 -18.75 -7.94
N ILE B 111 -7.17 -18.94 -7.60
CA ILE B 111 -7.77 -18.01 -6.65
C ILE B 111 -7.13 -18.15 -5.27
N VAL B 112 -6.65 -19.35 -4.92
CA VAL B 112 -5.94 -19.51 -3.65
C VAL B 112 -4.57 -18.85 -3.70
N LEU B 113 -3.84 -19.01 -4.81
CA LEU B 113 -2.58 -18.30 -4.96
C LEU B 113 -2.77 -16.80 -4.88
N MET B 114 -3.87 -16.30 -5.45
CA MET B 114 -4.16 -14.88 -5.36
C MET B 114 -4.41 -14.46 -3.93
N ALA B 115 -5.23 -15.22 -3.20
CA ALA B 115 -5.50 -14.89 -1.81
C ALA B 115 -4.22 -14.92 -0.97
N GLU B 116 -3.34 -15.88 -1.25
CA GLU B 116 -2.12 -15.97 -0.46
C GLU B 116 -1.23 -14.75 -0.67
N ALA B 117 -1.17 -14.26 -1.90
CA ALA B 117 -0.36 -13.08 -2.18
C ALA B 117 -0.95 -11.84 -1.53
N LEU B 118 -2.28 -11.70 -1.57
CA LEU B 118 -2.94 -10.59 -0.88
C LEU B 118 -2.71 -10.70 0.63
N GLU B 119 -2.81 -11.92 1.18
CA GLU B 119 -2.63 -12.08 2.61
C GLU B 119 -1.22 -11.73 3.03
N LYS B 120 -0.23 -12.09 2.20
CA LYS B 120 1.14 -11.74 2.51
C LYS B 120 1.31 -10.23 2.59
N LEU B 121 0.75 -9.52 1.61
CA LEU B 121 0.79 -8.06 1.61
C LEU B 121 0.05 -7.48 2.80
N PHE B 122 -1.13 -8.04 3.09
CA PHE B 122 -1.91 -7.61 4.24
C PHE B 122 -1.09 -7.70 5.53
N LEU B 123 -0.44 -8.84 5.75
CA LEU B 123 0.30 -9.00 7.00
C LEU B 123 1.50 -8.05 7.07
N GLN B 124 2.09 -7.71 5.92
CA GLN B 124 3.18 -6.73 5.89
C GLN B 124 2.67 -5.35 6.33
N LYS B 125 1.52 -4.93 5.81
CA LYS B 125 0.97 -3.63 6.19
C LYS B 125 0.48 -3.64 7.64
N ILE B 126 -0.10 -4.77 8.07
CA ILE B 126 -0.58 -4.86 9.45
C ILE B 126 0.57 -4.82 10.44
N ASN B 127 1.74 -5.30 10.04
CA ASN B 127 2.90 -5.24 10.93
C ASN B 127 3.29 -3.81 11.27
N GLU B 128 2.88 -2.84 10.45
CA GLU B 128 3.22 -1.43 10.65
C GLU B 128 2.03 -0.60 11.11
N LEU B 129 1.01 -1.24 11.69
CA LEU B 129 -0.14 -0.51 12.21
C LEU B 129 0.33 0.52 13.25
N PRO B 130 -0.09 1.78 13.12
CA PRO B 130 0.34 2.78 14.12
C PRO B 130 -0.24 2.51 15.50
N THR B 131 0.51 2.91 16.52
CA THR B 131 -0.02 2.81 17.88
C THR B 131 -1.02 3.93 18.11
N GLU B 132 -1.99 3.67 18.99
CA GLU B 132 -3.05 4.62 19.28
C GLU B 132 -2.55 5.77 20.18
C ACE C 1 -17.91 -20.54 -12.75
O ACE C 1 -16.89 -20.77 -12.08
CH3 ACE C 1 -19.14 -21.40 -12.65
N TRP C 2 -17.94 -19.52 -13.61
CA TRP C 2 -16.78 -18.64 -13.80
C TRP C 2 -16.95 -17.22 -13.22
OH ALY C 3 -14.56 -17.03 -5.14
CH ALY C 3 -14.34 -15.82 -4.95
CH3 ALY C 3 -13.56 -15.36 -3.75
NZ ALY C 3 -14.83 -14.86 -5.83
CE ALY C 3 -15.61 -15.21 -6.99
CD ALY C 3 -14.84 -15.18 -8.30
CG ALY C 3 -15.81 -15.33 -9.47
CB ALY C 3 -15.03 -15.16 -10.74
CA ALY C 3 -15.85 -15.39 -12.03
N ALY C 3 -15.99 -16.79 -12.42
C ALY C 3 -15.14 -14.72 -13.18
O ALY C 3 -14.18 -15.24 -13.73
N LYS C 4 -15.62 -13.53 -13.57
CA LYS C 4 -15.08 -12.80 -14.73
C LYS C 4 -15.01 -11.32 -14.39
N ALA C 5 -14.01 -10.63 -14.93
CA ALA C 5 -13.89 -9.20 -14.68
C ALA C 5 -13.18 -8.54 -15.84
N ILE C 6 -13.53 -7.28 -16.07
CA ILE C 6 -12.78 -6.38 -16.94
C ILE C 6 -11.98 -5.46 -16.03
N LEU C 7 -10.66 -5.52 -16.15
CA LEU C 7 -9.78 -4.67 -15.36
C LEU C 7 -9.42 -3.43 -16.15
N PRO C 8 -8.94 -2.38 -15.48
CA PRO C 8 -8.46 -1.19 -16.19
C PRO C 8 -7.53 -1.55 -17.33
N GLY C 9 -7.66 -0.83 -18.45
CA GLY C 9 -6.87 -1.14 -19.63
C GLY C 9 -7.52 -2.18 -20.50
OH ALY C 10 -13.78 -2.21 -26.09
CH ALY C 10 -14.47 -2.60 -25.12
CH3 ALY C 10 -15.80 -3.31 -25.33
NZ ALY C 10 -14.03 -2.34 -23.85
CE ALY C 10 -12.79 -1.67 -23.59
CD ALY C 10 -12.04 -2.51 -22.55
CG ALY C 10 -10.63 -2.04 -22.40
CB ALY C 10 -9.75 -3.25 -22.33
CA ALY C 10 -9.51 -3.57 -20.85
N ALY C 10 -8.74 -2.55 -20.14
C ALY C 10 -8.82 -4.91 -20.80
O ALY C 10 -8.79 -5.71 -21.74
N ILE C 11 -8.24 -5.17 -19.63
CA ILE C 11 -7.63 -6.47 -19.35
C ILE C 11 -8.71 -7.40 -18.84
N LEU C 12 -8.82 -8.59 -19.41
CA LEU C 12 -9.87 -9.52 -19.00
C LEU C 12 -9.27 -10.67 -18.20
N LYS C 13 -9.97 -11.07 -17.14
CA LYS C 13 -9.53 -12.13 -16.26
C LYS C 13 -10.74 -13.00 -15.92
N THR C 14 -10.54 -14.32 -15.86
CA THR C 14 -11.58 -15.26 -15.47
C THR C 14 -10.99 -16.30 -14.51
N LEU C 15 -11.86 -16.88 -13.67
CA LEU C 15 -11.48 -17.93 -12.72
C LEU C 15 -12.59 -18.96 -12.63
N HIS C 16 -12.24 -20.25 -12.76
CA HIS C 16 -13.23 -21.33 -12.79
C HIS C 16 -13.50 -21.77 -11.34
N ILE C 17 -14.37 -21.03 -10.67
CA ILE C 17 -14.64 -21.36 -9.27
C ILE C 17 -15.49 -22.62 -9.18
N CYS C 18 -16.35 -22.86 -10.16
CA CYS C 18 -17.25 -24.01 -10.12
C CYS C 18 -16.73 -25.16 -10.99
N NH2 D . -17.82 -25.99 -10.57
#